data_4ZFT
#
_entry.id   4ZFT
#
_cell.length_a   56.820
_cell.length_b   89.397
_cell.length_c   117.822
_cell.angle_alpha   90.00
_cell.angle_beta   90.00
_cell.angle_gamma   90.00
#
_symmetry.space_group_name_H-M   'P 21 21 21'
#
loop_
_entity.id
_entity.type
_entity.pdbx_description
1 polymer 'AMSH-like protease sst2'
2 polymer Polyubiquitin-B
3 non-polymer 'ZINC ION'
4 non-polymer 1,2-ETHANEDIOL
5 water water
#
loop_
_entity_poly.entity_id
_entity_poly.type
_entity_poly.pdbx_seq_one_letter_code
_entity_poly.pdbx_strand_id
1 'polypeptide(L)'
;GPLGSMAGTFKIHAYTEGGKPLRTIYLPKLLKKVFLDVVKPNTKKNLETCGILCGKLRQNAFFITHLVIPLQEATSDTCG
TTDEASLFEFQDKHNLLTLGWIHTHPTQTCFMSSVDLHTHCSYQLMLPEAIAIVMAPSKNTSGIFRLLDPEGLQTIVKCR
KPGLWHPHEGKVYTMVAQPGHVREINSKLQVVDLRVK
;
A,C
2 'polypeptide(L)'
;GPLGSMQIFVKTLTGKTITLEVEPSDTIENVKAKIQDKEGIPPDQQRLIFAGKQLEDGRTLSDYNIQKESTLHLVLRLRG
G
;
B,D
#
loop_
_chem_comp.id
_chem_comp.type
_chem_comp.name
_chem_comp.formula
EDO non-polymer 1,2-ETHANEDIOL 'C2 H6 O2'
ZN non-polymer 'ZINC ION' 'Zn 2'
#
# COMPACT_ATOMS: atom_id res chain seq x y z
N LYS A 11 29.02 10.60 -27.00
CA LYS A 11 28.38 10.28 -28.26
C LYS A 11 26.87 10.11 -28.04
N ILE A 12 26.49 9.70 -26.84
CA ILE A 12 25.07 9.56 -26.54
C ILE A 12 24.73 9.83 -25.08
N HIS A 13 23.78 10.74 -24.88
CA HIS A 13 23.39 11.20 -23.55
C HIS A 13 21.91 10.94 -23.26
N ALA A 14 21.63 10.46 -22.05
CA ALA A 14 20.26 10.24 -21.61
C ALA A 14 19.86 11.31 -20.59
N TYR A 15 18.58 11.66 -20.57
CA TYR A 15 18.07 12.67 -19.65
C TYR A 15 16.88 12.15 -18.88
N THR A 16 16.70 12.66 -17.67
CA THR A 16 15.49 12.41 -16.90
C THR A 16 14.32 13.17 -17.51
N GLU A 17 13.12 12.87 -17.01
CA GLU A 17 11.90 13.53 -17.46
C GLU A 17 11.97 15.05 -17.25
N GLY A 18 12.73 15.46 -16.25
CA GLY A 18 12.89 16.86 -15.92
C GLY A 18 14.12 17.52 -16.51
N GLY A 19 14.84 16.80 -17.37
CA GLY A 19 15.93 17.39 -18.12
C GLY A 19 17.32 17.33 -17.51
N LYS A 20 17.45 16.60 -16.41
CA LYS A 20 18.73 16.36 -15.79
C LYS A 20 19.45 15.25 -16.53
N PRO A 21 20.74 15.47 -16.84
CA PRO A 21 21.55 14.46 -17.54
C PRO A 21 21.94 13.31 -16.62
N LEU A 22 21.86 12.09 -17.13
CA LEU A 22 22.28 10.91 -16.37
C LEU A 22 23.61 10.41 -16.84
N ARG A 23 24.54 10.22 -15.91
CA ARG A 23 25.81 9.63 -16.27
C ARG A 23 25.60 8.16 -16.63
N THR A 24 26.47 7.65 -17.49
CA THR A 24 26.33 6.31 -18.02
C THR A 24 26.81 5.26 -17.01
N ILE A 25 26.08 4.16 -16.92
CA ILE A 25 26.51 3.02 -16.12
C ILE A 25 26.84 1.86 -17.04
N TYR A 26 28.05 1.34 -16.97
CA TYR A 26 28.43 0.20 -17.78
C TYR A 26 28.19 -1.08 -16.99
N LEU A 27 27.30 -1.91 -17.53
CA LEU A 27 26.86 -3.13 -16.92
C LEU A 27 27.47 -4.35 -17.63
N PRO A 28 28.24 -5.18 -16.91
CA PRO A 28 28.79 -6.37 -17.58
C PRO A 28 27.68 -7.28 -18.12
N LYS A 29 27.77 -7.64 -19.40
CA LYS A 29 26.75 -8.50 -20.02
C LYS A 29 26.54 -9.79 -19.23
N LEU A 30 27.61 -10.25 -18.60
CA LEU A 30 27.60 -11.44 -17.76
C LEU A 30 26.73 -11.40 -16.50
N LEU A 31 26.49 -10.22 -15.97
CA LEU A 31 25.96 -10.13 -14.61
C LEU A 31 24.57 -10.79 -14.48
N LYS A 32 23.66 -10.53 -15.42
CA LYS A 32 22.32 -11.10 -15.29
C LYS A 32 22.40 -12.63 -15.26
N LYS A 33 23.19 -13.20 -16.17
CA LYS A 33 23.30 -14.66 -16.27
C LYS A 33 23.92 -15.22 -15.01
N VAL A 34 24.99 -14.60 -14.53
CA VAL A 34 25.68 -15.15 -13.36
C VAL A 34 24.82 -15.02 -12.10
N PHE A 35 24.08 -13.93 -11.99
CA PHE A 35 23.17 -13.76 -10.87
C PHE A 35 22.13 -14.91 -10.80
N LEU A 36 21.41 -15.15 -11.90
CA LEU A 36 20.46 -16.28 -11.97
C LEU A 36 21.14 -17.59 -11.55
N ASP A 37 22.36 -17.83 -12.05
CA ASP A 37 23.12 -19.02 -11.68
C ASP A 37 23.40 -19.09 -10.19
N VAL A 38 23.85 -17.97 -9.61
CA VAL A 38 24.20 -17.94 -8.18
C VAL A 38 22.98 -18.12 -7.26
N VAL A 39 21.83 -17.66 -7.69
CA VAL A 39 20.69 -17.72 -6.81
C VAL A 39 19.72 -18.83 -7.21
N LYS A 40 20.15 -19.68 -8.14
CA LYS A 40 19.30 -20.76 -8.69
C LYS A 40 18.73 -21.72 -7.61
N PRO A 41 19.56 -22.14 -6.62
CA PRO A 41 18.99 -22.88 -5.48
C PRO A 41 17.73 -22.25 -4.88
N ASN A 42 17.68 -20.93 -4.77
CA ASN A 42 16.50 -20.26 -4.22
C ASN A 42 15.36 -20.21 -5.24
N THR A 43 15.68 -19.99 -6.52
CA THR A 43 14.63 -19.90 -7.53
C THR A 43 13.93 -21.23 -7.74
N LYS A 44 14.67 -22.32 -7.54
CA LYS A 44 14.11 -23.68 -7.56
C LYS A 44 13.17 -23.88 -6.37
N LYS A 45 13.54 -23.33 -5.21
CA LYS A 45 12.74 -23.45 -4.00
C LYS A 45 11.64 -22.40 -3.91
N ASN A 46 11.32 -21.80 -5.06
CA ASN A 46 10.34 -20.72 -5.13
C ASN A 46 10.68 -19.54 -4.20
N LEU A 47 11.96 -19.27 -3.99
CA LEU A 47 12.39 -18.15 -3.13
C LEU A 47 13.01 -16.96 -3.93
N GLU A 48 12.51 -15.73 -3.71
CA GLU A 48 13.13 -14.51 -4.23
C GLU A 48 14.55 -14.33 -3.69
N THR A 49 15.46 -13.77 -4.50
CA THR A 49 16.79 -13.39 -3.98
C THR A 49 17.19 -12.01 -4.49
N CYS A 50 18.03 -11.32 -3.73
CA CYS A 50 18.49 -10.03 -4.16
C CYS A 50 20.01 -9.90 -4.11
N GLY A 51 20.50 -8.88 -4.81
CA GLY A 51 21.89 -8.47 -4.71
C GLY A 51 22.10 -7.00 -5.01
N ILE A 52 23.31 -6.55 -4.74
CA ILE A 52 23.72 -5.16 -4.93
C ILE A 52 24.66 -5.03 -6.14
N LEU A 53 24.38 -4.04 -6.98
CA LEU A 53 25.32 -3.63 -8.02
C LEU A 53 26.31 -2.58 -7.48
N CYS A 54 27.57 -2.95 -7.41
CA CYS A 54 28.64 -2.09 -6.91
C CYS A 54 29.66 -1.82 -7.99
N GLY A 55 30.41 -0.75 -7.82
CA GLY A 55 31.44 -0.39 -8.76
C GLY A 55 32.00 0.99 -8.48
N LYS A 56 32.50 1.62 -9.55
CA LYS A 56 33.37 2.79 -9.44
C LYS A 56 32.95 3.86 -10.42
N LEU A 57 33.37 5.09 -10.12
CA LEU A 57 33.19 6.22 -11.01
C LEU A 57 34.51 6.54 -11.70
N ARG A 58 34.58 6.37 -13.01
CA ARG A 58 35.76 6.75 -13.78
C ARG A 58 35.39 7.75 -14.89
N GLN A 59 35.97 8.95 -14.83
CA GLN A 59 35.79 9.98 -15.85
C GLN A 59 34.33 10.17 -16.24
N ASN A 60 33.51 10.54 -15.25
CA ASN A 60 32.09 10.84 -15.45
C ASN A 60 31.23 9.66 -15.91
N ALA A 61 31.73 8.44 -15.76
CA ALA A 61 30.92 7.26 -16.02
C ALA A 61 31.04 6.24 -14.88
N PHE A 62 30.01 5.44 -14.66
CA PHE A 62 30.07 4.39 -13.65
C PHE A 62 30.31 3.03 -14.27
N PHE A 63 31.09 2.19 -13.59
CA PHE A 63 31.36 0.84 -14.05
C PHE A 63 30.94 -0.11 -12.96
N ILE A 64 29.94 -0.94 -13.23
CA ILE A 64 29.61 -2.02 -12.33
C ILE A 64 30.69 -3.09 -12.41
N THR A 65 31.34 -3.37 -11.28
CA THR A 65 32.46 -4.32 -11.24
C THR A 65 32.15 -5.51 -10.33
N HIS A 66 31.21 -5.34 -9.40
CA HIS A 66 30.88 -6.36 -8.41
C HIS A 66 29.37 -6.62 -8.30
N LEU A 67 29.01 -7.88 -8.27
CA LEU A 67 27.68 -8.26 -7.85
C LEU A 67 27.85 -8.80 -6.45
N VAL A 68 27.15 -8.23 -5.48
CA VAL A 68 27.29 -8.65 -4.10
C VAL A 68 25.98 -9.26 -3.60
N ILE A 69 26.04 -10.49 -3.14
CA ILE A 69 24.87 -11.17 -2.59
C ILE A 69 24.95 -10.99 -1.06
N PRO A 70 24.11 -10.12 -0.52
CA PRO A 70 24.19 -9.85 0.92
C PRO A 70 23.46 -10.91 1.76
N LEU A 71 23.78 -10.95 3.05
CA LEU A 71 22.98 -11.72 4.00
C LEU A 71 21.53 -11.28 3.86
N GLN A 72 20.63 -12.24 3.75
CA GLN A 72 19.23 -11.93 3.49
C GLN A 72 18.26 -13.04 3.91
N GLU A 73 16.99 -12.66 4.08
CA GLU A 73 15.92 -13.61 4.33
C GLU A 73 14.95 -13.53 3.16
N ALA A 74 14.27 -14.62 2.84
CA ALA A 74 13.33 -14.54 1.72
C ALA A 74 12.11 -15.42 1.89
N THR A 75 11.05 -15.03 1.20
CA THR A 75 9.89 -15.89 0.94
C THR A 75 9.61 -15.91 -0.56
N SER A 76 8.45 -16.42 -0.93
CA SER A 76 8.11 -16.64 -2.34
C SER A 76 7.82 -15.35 -3.06
N ASP A 77 7.56 -14.30 -2.30
CA ASP A 77 7.18 -13.00 -2.87
C ASP A 77 8.00 -11.83 -2.31
N THR A 78 8.90 -12.11 -1.37
CA THR A 78 9.71 -11.06 -0.76
C THR A 78 11.14 -11.51 -0.54
N CYS A 79 12.03 -10.53 -0.34
CA CYS A 79 13.41 -10.77 0.10
C CYS A 79 13.92 -9.49 0.76
N GLY A 80 14.82 -9.63 1.72
CA GLY A 80 15.29 -8.48 2.44
C GLY A 80 16.63 -8.76 3.07
N THR A 81 17.47 -7.72 3.16
CA THR A 81 18.76 -7.87 3.84
C THR A 81 18.56 -7.94 5.35
N THR A 82 19.57 -8.50 6.04
CA THR A 82 19.50 -8.73 7.48
C THR A 82 20.73 -8.20 8.22
N ASP A 83 21.91 -8.33 7.65
CA ASP A 83 23.12 -7.84 8.33
C ASP A 83 23.86 -6.83 7.47
N GLU A 84 23.34 -5.61 7.39
CA GLU A 84 23.88 -4.63 6.46
C GLU A 84 25.29 -4.18 6.85
N ALA A 85 25.66 -4.39 8.11
CA ALA A 85 27.01 -4.03 8.57
C ALA A 85 28.12 -4.73 7.79
N SER A 86 27.98 -6.04 7.56
CA SER A 86 28.98 -6.77 6.78
C SER A 86 28.99 -6.29 5.32
N LEU A 87 27.81 -6.01 4.78
CA LEU A 87 27.72 -5.39 3.46
C LEU A 87 28.50 -4.09 3.46
N PHE A 88 28.25 -3.26 4.46
CA PHE A 88 28.96 -2.00 4.56
C PHE A 88 30.47 -2.21 4.60
N GLU A 89 30.93 -3.10 5.49
CA GLU A 89 32.35 -3.38 5.67
C GLU A 89 32.97 -3.74 4.32
N PHE A 90 32.30 -4.59 3.56
CA PHE A 90 32.87 -4.96 2.27
C PHE A 90 33.00 -3.76 1.32
N GLN A 91 31.92 -3.00 1.14
CA GLN A 91 31.96 -1.88 0.18
C GLN A 91 32.98 -0.82 0.56
N ASP A 92 33.01 -0.48 1.86
CA ASP A 92 33.89 0.56 2.38
C ASP A 92 35.36 0.17 2.25
N LYS A 93 35.65 -1.06 2.68
CA LYS A 93 37.01 -1.62 2.60
C LYS A 93 37.56 -1.61 1.18
N HIS A 94 36.66 -1.77 0.20
CA HIS A 94 37.06 -1.88 -1.20
C HIS A 94 36.65 -0.69 -2.05
N ASN A 95 36.13 0.34 -1.37
CA ASN A 95 35.77 1.60 -2.04
C ASN A 95 34.82 1.38 -3.21
N LEU A 96 33.73 0.67 -2.90
CA LEU A 96 32.73 0.38 -3.89
C LEU A 96 31.53 1.29 -3.72
N LEU A 97 31.15 1.96 -4.80
CA LEU A 97 29.90 2.73 -4.85
C LEU A 97 28.72 1.76 -5.03
N THR A 98 27.55 2.08 -4.44
CA THR A 98 26.29 1.38 -4.71
C THR A 98 25.61 1.98 -5.95
N LEU A 99 25.42 1.20 -7.01
CA LEU A 99 24.89 1.77 -8.25
C LEU A 99 23.48 1.26 -8.55
N GLY A 100 23.05 0.26 -7.80
CA GLY A 100 21.69 -0.21 -7.88
C GLY A 100 21.56 -1.57 -7.27
N TRP A 101 20.52 -2.28 -7.66
CA TRP A 101 20.27 -3.60 -7.07
C TRP A 101 19.57 -4.52 -8.06
N ILE A 102 19.53 -5.81 -7.73
CA ILE A 102 18.93 -6.79 -8.61
C ILE A 102 18.18 -7.80 -7.76
N HIS A 103 17.05 -8.29 -8.27
CA HIS A 103 16.35 -9.37 -7.60
C HIS A 103 15.47 -10.18 -8.56
N THR A 104 15.10 -11.38 -8.13
CA THR A 104 14.29 -12.29 -8.91
C THR A 104 12.78 -12.18 -8.59
N HIS A 105 11.97 -12.33 -9.63
CA HIS A 105 10.57 -12.74 -9.51
C HIS A 105 10.49 -14.21 -9.90
N PRO A 106 10.63 -15.13 -8.94
CA PRO A 106 10.70 -16.55 -9.29
C PRO A 106 9.52 -16.98 -10.15
N THR A 107 8.30 -16.53 -9.82
CA THR A 107 7.13 -16.89 -10.62
C THR A 107 6.39 -15.73 -11.29
N GLN A 108 6.62 -14.49 -10.85
CA GLN A 108 5.78 -13.38 -11.31
C GLN A 108 6.26 -12.77 -12.63
N THR A 109 5.53 -11.77 -13.11
CA THR A 109 5.90 -11.07 -14.33
C THR A 109 7.02 -10.05 -14.05
N CYS A 110 7.50 -9.40 -15.09
CA CYS A 110 8.64 -8.50 -14.96
C CYS A 110 8.13 -7.06 -14.84
N PHE A 111 8.12 -6.56 -13.60
CA PHE A 111 7.56 -5.26 -13.27
C PHE A 111 8.15 -4.80 -11.93
N MET A 112 7.86 -3.57 -11.53
CA MET A 112 8.28 -3.14 -10.20
C MET A 112 7.06 -3.14 -9.29
N SER A 113 7.10 -3.94 -8.23
CA SER A 113 6.04 -3.93 -7.24
C SER A 113 6.09 -2.69 -6.34
N SER A 114 5.08 -2.56 -5.49
CA SER A 114 4.97 -1.43 -4.59
C SER A 114 6.18 -1.34 -3.64
N VAL A 115 6.61 -2.50 -3.16
CA VAL A 115 7.77 -2.66 -2.31
C VAL A 115 9.08 -2.29 -3.06
N ASP A 116 9.20 -2.70 -4.32
CA ASP A 116 10.36 -2.38 -5.14
C ASP A 116 10.52 -0.88 -5.32
N LEU A 117 9.39 -0.21 -5.56
CA LEU A 117 9.36 1.24 -5.78
C LEU A 117 9.84 2.02 -4.57
N HIS A 118 9.33 1.65 -3.39
CA HIS A 118 9.75 2.32 -2.16
C HIS A 118 11.22 2.07 -1.81
N THR A 119 11.67 0.85 -2.11
CA THR A 119 13.07 0.48 -1.89
C THR A 119 13.94 1.30 -2.82
N HIS A 120 13.57 1.32 -4.10
CA HIS A 120 14.43 1.94 -5.10
C HIS A 120 14.48 3.44 -4.98
N CYS A 121 13.36 4.04 -4.59
CA CYS A 121 13.30 5.48 -4.37
C CYS A 121 14.50 5.97 -3.56
N SER A 122 14.82 5.24 -2.51
CA SER A 122 15.94 5.61 -1.66
C SER A 122 17.30 5.50 -2.36
N TYR A 123 17.51 4.44 -3.13
CA TYR A 123 18.76 4.32 -3.91
C TYR A 123 18.91 5.45 -4.92
N GLN A 124 17.81 5.80 -5.60
CA GLN A 124 17.85 6.82 -6.66
C GLN A 124 18.00 8.23 -6.08
N LEU A 125 17.53 8.41 -4.85
CA LEU A 125 17.76 9.66 -4.11
C LEU A 125 19.25 9.83 -3.78
N MET A 126 19.88 8.74 -3.37
CA MET A 126 21.30 8.80 -3.01
C MET A 126 22.19 8.86 -4.25
N LEU A 127 21.68 8.35 -5.37
CA LEU A 127 22.44 8.37 -6.61
C LEU A 127 21.48 8.43 -7.80
N PRO A 128 21.38 9.59 -8.42
CA PRO A 128 20.38 9.83 -9.47
C PRO A 128 20.36 8.76 -10.58
N GLU A 129 21.49 8.09 -10.83
CA GLU A 129 21.58 7.11 -11.91
C GLU A 129 21.20 5.69 -11.46
N ALA A 130 20.88 5.52 -10.18
CA ALA A 130 20.72 4.16 -9.63
C ALA A 130 19.63 3.39 -10.37
N ILE A 131 19.91 2.11 -10.63
CA ILE A 131 19.01 1.24 -11.39
C ILE A 131 18.54 0.04 -10.58
N ALA A 132 17.39 -0.50 -10.96
CA ALA A 132 16.84 -1.70 -10.34
C ALA A 132 16.65 -2.74 -11.44
N ILE A 133 17.39 -3.84 -11.36
CA ILE A 133 17.26 -4.90 -12.35
C ILE A 133 16.29 -5.98 -11.82
N VAL A 134 15.28 -6.33 -12.62
CA VAL A 134 14.30 -7.34 -12.21
C VAL A 134 14.37 -8.54 -13.16
N MET A 135 14.63 -9.71 -12.59
CA MET A 135 14.69 -10.96 -13.32
C MET A 135 13.39 -11.77 -13.13
N ALA A 136 12.69 -12.06 -14.24
CA ALA A 136 11.54 -12.98 -14.20
C ALA A 136 11.87 -14.30 -14.95
N PRO A 137 12.61 -15.21 -14.31
CA PRO A 137 13.13 -16.35 -15.08
C PRO A 137 12.06 -17.33 -15.58
N SER A 138 10.92 -17.41 -14.90
CA SER A 138 9.84 -18.32 -15.33
C SER A 138 9.13 -17.75 -16.54
N LYS A 139 9.40 -16.49 -16.87
CA LYS A 139 8.83 -15.85 -18.04
C LYS A 139 9.92 -15.56 -19.09
N ASN A 140 11.13 -16.03 -18.78
CA ASN A 140 12.37 -15.67 -19.48
C ASN A 140 12.50 -14.21 -19.89
N THR A 141 11.97 -13.31 -19.07
CA THR A 141 12.15 -11.89 -19.31
C THR A 141 13.03 -11.30 -18.21
N SER A 142 13.40 -10.05 -18.39
CA SER A 142 14.09 -9.31 -17.38
C SER A 142 13.92 -7.85 -17.74
N GLY A 143 14.10 -6.98 -16.75
CA GLY A 143 13.99 -5.55 -16.99
C GLY A 143 14.94 -4.72 -16.15
N ILE A 144 15.28 -3.55 -16.66
CA ILE A 144 16.05 -2.59 -15.88
C ILE A 144 15.26 -1.30 -15.78
N PHE A 145 14.95 -0.91 -14.53
CA PHE A 145 13.97 0.14 -14.24
C PHE A 145 14.52 1.29 -13.39
N ARG A 146 13.87 2.44 -13.46
CA ARG A 146 14.09 3.53 -12.50
C ARG A 146 12.80 4.31 -12.29
N LEU A 147 12.77 5.18 -11.29
CA LEU A 147 11.62 6.03 -11.07
C LEU A 147 11.70 7.26 -11.95
N LEU A 148 10.54 7.77 -12.34
CA LEU A 148 10.53 9.03 -13.07
C LEU A 148 11.10 10.12 -12.18
N ASP A 149 11.97 10.93 -12.78
CA ASP A 149 12.66 12.01 -12.11
C ASP A 149 12.23 13.29 -12.80
N PRO A 150 11.52 14.18 -12.06
CA PRO A 150 11.31 14.13 -10.60
C PRO A 150 9.97 13.56 -10.12
N GLU A 151 9.01 13.36 -11.01
CA GLU A 151 7.63 13.14 -10.57
C GLU A 151 7.45 11.84 -9.75
N GLY A 152 8.09 10.76 -10.19
CA GLY A 152 7.98 9.48 -9.50
C GLY A 152 8.70 9.48 -8.16
N LEU A 153 9.89 10.05 -8.11
CA LEU A 153 10.58 10.23 -6.84
C LEU A 153 9.68 10.99 -5.88
N GLN A 154 9.10 12.09 -6.34
CA GLN A 154 8.28 12.92 -5.46
C GLN A 154 7.06 12.16 -4.95
N THR A 155 6.43 11.37 -5.83
CA THR A 155 5.27 10.54 -5.46
C THR A 155 5.60 9.53 -4.37
N ILE A 156 6.69 8.79 -4.52
CA ILE A 156 7.06 7.77 -3.54
C ILE A 156 7.62 8.39 -2.24
N VAL A 157 8.40 9.46 -2.35
CA VAL A 157 8.87 10.18 -1.15
C VAL A 157 7.70 10.66 -0.28
N LYS A 158 6.68 11.28 -0.90
CA LYS A 158 5.52 11.76 -0.16
C LYS A 158 4.60 10.64 0.34
N CYS A 159 4.69 9.45 -0.26
CA CYS A 159 3.73 8.38 0.04
C CYS A 159 3.82 7.81 1.47
N ARG A 160 2.64 7.65 2.11
CA ARG A 160 2.52 7.19 3.49
C ARG A 160 1.52 6.05 3.60
N LYS A 161 1.06 5.55 2.46
CA LYS A 161 0.05 4.51 2.43
C LYS A 161 0.54 3.23 3.14
N PRO A 162 -0.32 2.64 3.98
CA PRO A 162 0.00 1.39 4.63
C PRO A 162 -0.17 0.19 3.72
N GLY A 163 0.37 -0.94 4.14
CA GLY A 163 0.16 -2.21 3.47
C GLY A 163 1.26 -2.44 2.44
N LEU A 164 1.75 -3.68 2.40
CA LEU A 164 2.79 -4.08 1.47
C LEU A 164 2.51 -3.71 0.01
N TRP A 165 1.32 -4.01 -0.50
CA TRP A 165 1.09 -4.01 -1.95
C TRP A 165 0.25 -2.85 -2.51
N HIS A 166 0.09 -1.80 -1.72
CA HIS A 166 -0.71 -0.62 -2.10
C HIS A 166 -0.31 0.01 -3.47
N PRO A 167 -1.29 0.64 -4.14
CA PRO A 167 -1.06 1.22 -5.48
C PRO A 167 -0.62 2.69 -5.44
N HIS A 168 -0.23 3.22 -6.59
CA HIS A 168 0.19 4.61 -6.64
C HIS A 168 -0.52 5.35 -7.75
N GLU A 169 -0.68 6.64 -7.56
CA GLU A 169 -1.37 7.48 -8.53
C GLU A 169 -0.41 7.96 -9.60
N GLY A 170 -0.69 7.55 -10.84
CA GLY A 170 0.07 8.03 -12.00
C GLY A 170 1.17 7.06 -12.39
N LYS A 171 1.87 7.38 -13.48
CA LYS A 171 3.05 6.61 -13.85
C LYS A 171 4.15 7.02 -12.89
N VAL A 172 4.76 6.03 -12.26
CA VAL A 172 5.75 6.26 -11.22
C VAL A 172 7.16 5.87 -11.70
N TYR A 173 7.28 4.74 -12.39
CA TYR A 173 8.57 4.31 -12.91
C TYR A 173 8.57 3.99 -14.40
N THR A 174 9.77 3.71 -14.90
CA THR A 174 9.97 3.43 -16.31
C THR A 174 11.20 2.53 -16.54
N MET A 175 11.32 1.95 -17.73
CA MET A 175 12.52 1.21 -18.10
C MET A 175 13.64 2.19 -18.42
N VAL A 176 14.87 1.89 -17.99
CA VAL A 176 15.96 2.82 -18.23
C VAL A 176 16.26 2.92 -19.73
N ALA A 177 16.73 4.09 -20.15
CA ALA A 177 17.28 4.32 -21.48
C ALA A 177 18.51 3.48 -21.74
N GLN A 178 18.45 2.67 -22.78
CA GLN A 178 19.69 2.05 -23.22
C GLN A 178 19.96 2.54 -24.64
N PRO A 179 21.24 2.81 -24.96
CA PRO A 179 22.41 2.61 -24.09
C PRO A 179 22.90 3.88 -23.37
N GLY A 180 22.11 4.94 -23.38
CA GLY A 180 22.57 6.22 -22.87
C GLY A 180 22.78 6.26 -21.37
N HIS A 181 21.89 5.62 -20.64
CA HIS A 181 21.99 5.60 -19.19
C HIS A 181 22.68 4.30 -18.75
N VAL A 182 22.14 3.18 -19.20
CA VAL A 182 22.75 1.89 -18.98
C VAL A 182 23.19 1.30 -20.30
N ARG A 183 24.45 0.87 -20.36
CA ARG A 183 24.98 0.20 -21.53
C ARG A 183 25.61 -1.14 -21.14
N GLU A 184 25.03 -2.25 -21.63
CA GLU A 184 25.59 -3.58 -21.41
C GLU A 184 26.82 -3.78 -22.30
N ILE A 185 27.93 -4.16 -21.68
CA ILE A 185 29.21 -4.37 -22.37
C ILE A 185 29.91 -5.64 -21.89
N ASN A 186 30.84 -6.17 -22.68
CA ASN A 186 31.64 -7.33 -22.28
C ASN A 186 32.80 -6.95 -21.37
N SER A 187 32.54 -6.92 -20.06
CA SER A 187 33.58 -6.53 -19.12
C SER A 187 33.64 -7.54 -17.99
N LYS A 188 34.73 -7.45 -17.22
CA LYS A 188 34.98 -8.37 -16.13
C LYS A 188 34.00 -8.14 -14.98
N LEU A 189 33.80 -9.18 -14.20
CA LEU A 189 32.87 -9.13 -13.08
C LEU A 189 33.43 -9.95 -11.91
N GLN A 190 33.25 -9.43 -10.69
CA GLN A 190 33.46 -10.24 -9.49
C GLN A 190 32.11 -10.47 -8.83
N VAL A 191 31.89 -11.70 -8.41
CA VAL A 191 30.68 -12.03 -7.65
C VAL A 191 31.10 -12.33 -6.22
N VAL A 192 30.51 -11.58 -5.28
CA VAL A 192 30.84 -11.67 -3.88
C VAL A 192 29.64 -12.20 -3.15
N ASP A 193 29.76 -13.41 -2.61
CA ASP A 193 28.66 -13.99 -1.85
C ASP A 193 28.96 -13.87 -0.35
N LEU A 194 28.14 -13.10 0.35
CA LEU A 194 28.34 -12.84 1.79
C LEU A 194 27.39 -13.68 2.63
N ARG A 195 26.64 -14.61 2.03
CA ARG A 195 25.71 -15.46 2.79
C ARG A 195 26.44 -16.62 3.47
N GLY B 4 20.17 21.31 16.89
CA GLY B 4 21.03 20.67 17.88
C GLY B 4 22.29 21.48 18.18
N SER B 5 23.19 20.93 19.01
CA SER B 5 24.36 21.67 19.53
C SER B 5 25.77 21.16 19.14
N MET B 6 25.83 20.17 18.26
CA MET B 6 27.10 19.79 17.62
C MET B 6 26.81 19.35 16.20
N GLN B 7 27.84 19.24 15.37
CA GLN B 7 27.62 18.75 14.01
C GLN B 7 28.33 17.44 13.80
N ILE B 8 27.61 16.48 13.21
CA ILE B 8 28.21 15.21 12.81
C ILE B 8 28.00 15.03 11.30
N PHE B 9 28.75 14.09 10.73
CA PHE B 9 28.65 13.81 9.30
C PHE B 9 28.16 12.40 9.03
N VAL B 10 27.27 12.26 8.06
CA VAL B 10 26.83 10.94 7.63
C VAL B 10 27.27 10.69 6.17
N LYS B 11 28.28 9.85 6.02
CA LYS B 11 28.82 9.49 4.71
C LYS B 11 28.08 8.27 4.18
N THR B 12 27.65 8.33 2.91
CA THR B 12 26.97 7.23 2.24
C THR B 12 27.93 6.36 1.41
N LEU B 13 27.41 5.30 0.81
CA LEU B 13 28.19 4.50 -0.15
C LEU B 13 27.94 4.98 -1.59
N THR B 14 27.64 6.26 -1.74
CA THR B 14 27.35 6.81 -3.06
C THR B 14 28.04 8.13 -3.29
N GLY B 15 29.03 8.46 -2.46
CA GLY B 15 29.80 9.69 -2.63
C GLY B 15 29.19 10.94 -2.00
N LYS B 16 28.05 10.78 -1.35
CA LYS B 16 27.38 11.87 -0.63
C LYS B 16 27.90 12.01 0.79
N THR B 17 27.78 13.22 1.34
CA THR B 17 28.07 13.45 2.75
C THR B 17 27.02 14.39 3.33
N ILE B 18 26.23 13.86 4.26
CA ILE B 18 25.17 14.63 4.89
C ILE B 18 25.73 15.23 6.16
N THR B 19 25.34 16.45 6.47
CA THR B 19 25.78 17.08 7.71
C THR B 19 24.56 17.33 8.59
N LEU B 20 24.67 16.96 9.86
CA LEU B 20 23.55 17.15 10.78
C LEU B 20 23.99 17.90 12.02
N GLU B 21 23.09 18.75 12.53
CA GLU B 21 23.25 19.32 13.86
C GLU B 21 22.43 18.44 14.82
N VAL B 22 23.07 18.01 15.90
CA VAL B 22 22.45 17.05 16.84
C VAL B 22 22.88 17.26 18.29
N GLU B 23 22.15 16.64 19.21
CA GLU B 23 22.53 16.61 20.62
C GLU B 23 23.14 15.25 20.94
N PRO B 24 24.08 15.20 21.90
CA PRO B 24 24.58 13.92 22.39
C PRO B 24 23.44 13.02 22.87
N SER B 25 22.37 13.63 23.34
CA SER B 25 21.24 12.88 23.87
C SER B 25 20.20 12.58 22.80
N ASP B 26 20.51 12.91 21.55
CA ASP B 26 19.63 12.51 20.45
C ASP B 26 19.71 10.99 20.26
N THR B 27 18.55 10.36 20.08
CA THR B 27 18.57 8.93 19.85
C THR B 27 18.97 8.66 18.38
N ILE B 28 19.52 7.48 18.13
CA ILE B 28 19.77 7.04 16.75
C ILE B 28 18.50 7.22 15.91
N GLU B 29 17.36 6.89 16.48
CA GLU B 29 16.08 7.09 15.81
C GLU B 29 15.83 8.57 15.46
N ASN B 30 16.32 9.48 16.30
CA ASN B 30 16.23 10.91 16.02
C ASN B 30 17.11 11.32 14.87
N VAL B 31 18.27 10.69 14.80
CA VAL B 31 19.24 11.03 13.77
C VAL B 31 18.71 10.60 12.41
N LYS B 32 18.02 9.45 12.38
CA LYS B 32 17.37 8.95 11.17
C LYS B 32 16.27 9.90 10.72
N ALA B 33 15.46 10.39 11.68
CA ALA B 33 14.39 11.35 11.39
C ALA B 33 14.95 12.63 10.75
N LYS B 34 16.13 13.04 11.20
CA LYS B 34 16.78 14.21 10.63
C LYS B 34 17.25 13.92 9.22
N ILE B 35 17.54 12.65 8.95
CA ILE B 35 17.99 12.26 7.63
C ILE B 35 16.78 12.15 6.71
N GLN B 36 15.65 11.67 7.19
CA GLN B 36 14.43 11.66 6.39
C GLN B 36 14.03 13.08 6.00
N ASP B 37 14.10 13.98 6.98
CA ASP B 37 13.87 15.41 6.74
C ASP B 37 14.78 15.98 5.65
N LYS B 38 16.06 15.62 5.66
CA LYS B 38 17.02 16.29 4.79
C LYS B 38 17.19 15.60 3.42
N GLU B 39 16.87 14.31 3.36
CA GLU B 39 17.21 13.49 2.20
C GLU B 39 16.07 12.66 1.65
N GLY B 40 14.98 12.54 2.41
CA GLY B 40 13.77 11.91 1.93
C GLY B 40 13.75 10.41 2.14
N ILE B 41 14.69 9.90 2.93
CA ILE B 41 14.80 8.47 3.19
C ILE B 41 14.11 8.05 4.50
N PRO B 42 13.10 7.16 4.40
CA PRO B 42 12.39 6.66 5.59
C PRO B 42 13.33 6.00 6.60
N PRO B 43 13.05 6.19 7.90
CA PRO B 43 14.01 5.73 8.91
C PRO B 43 14.23 4.22 8.89
N ASP B 44 13.17 3.46 8.63
CA ASP B 44 13.31 2.00 8.68
C ASP B 44 14.11 1.46 7.49
N GLN B 45 14.39 2.30 6.50
CA GLN B 45 15.26 1.89 5.40
C GLN B 45 16.72 2.19 5.72
N GLN B 46 16.97 2.98 6.76
CA GLN B 46 18.34 3.35 7.12
C GLN B 46 18.96 2.42 8.15
N ARG B 47 20.24 2.12 7.94
CA ARG B 47 21.09 1.54 8.98
C ARG B 47 22.27 2.47 9.15
N LEU B 48 22.53 2.86 10.41
CA LEU B 48 23.67 3.74 10.71
C LEU B 48 24.78 2.94 11.33
N ILE B 49 26.01 3.24 10.97
CA ILE B 49 27.16 2.49 11.45
C ILE B 49 28.25 3.43 11.93
N PHE B 50 28.77 3.13 13.12
CA PHE B 50 29.90 3.86 13.67
C PHE B 50 30.93 2.90 14.25
N ALA B 51 32.21 3.17 13.95
CA ALA B 51 33.31 2.32 14.40
C ALA B 51 33.02 0.81 14.21
N GLY B 52 32.52 0.45 13.03
CA GLY B 52 32.26 -0.94 12.72
C GLY B 52 31.00 -1.53 13.33
N LYS B 53 30.44 -0.85 14.34
CA LYS B 53 29.22 -1.34 14.95
C LYS B 53 27.97 -0.64 14.40
N GLN B 54 26.89 -1.39 14.23
CA GLN B 54 25.60 -0.89 13.80
C GLN B 54 24.78 -0.37 14.99
N LEU B 55 24.18 0.80 14.83
CA LEU B 55 23.58 1.53 15.95
C LEU B 55 22.08 1.23 16.12
N GLU B 56 21.68 1.00 17.37
CA GLU B 56 20.33 0.55 17.65
C GLU B 56 19.39 1.74 17.87
N ASP B 57 18.18 1.64 17.35
CA ASP B 57 17.26 2.78 17.30
C ASP B 57 17.06 3.52 18.64
N GLY B 58 17.08 2.77 19.74
CA GLY B 58 16.74 3.32 21.04
C GLY B 58 17.88 3.90 21.86
N ARG B 59 19.11 3.68 21.42
CA ARG B 59 20.27 4.24 22.09
C ARG B 59 20.59 5.66 21.57
N THR B 60 21.52 6.34 22.24
CA THR B 60 21.82 7.73 21.89
C THR B 60 23.24 7.87 21.42
N LEU B 61 23.56 9.02 20.81
CA LEU B 61 24.90 9.28 20.32
C LEU B 61 25.96 9.22 21.42
N SER B 62 25.56 9.62 22.64
CA SER B 62 26.44 9.58 23.81
C SER B 62 26.72 8.13 24.23
N ASP B 63 25.69 7.27 24.21
CA ASP B 63 25.87 5.83 24.43
C ASP B 63 27.01 5.24 23.59
N TYR B 64 27.19 5.76 22.37
CA TYR B 64 28.22 5.23 21.46
C TYR B 64 29.46 6.14 21.39
N ASN B 65 29.53 7.13 22.28
CA ASN B 65 30.67 8.06 22.33
C ASN B 65 30.86 8.89 21.04
N ILE B 66 29.76 9.34 20.45
CA ILE B 66 29.82 10.09 19.20
C ILE B 66 29.85 11.58 19.50
N GLN B 67 30.96 12.22 19.09
CA GLN B 67 31.27 13.59 19.50
C GLN B 67 31.23 14.54 18.32
N LYS B 68 31.69 15.77 18.51
CA LYS B 68 31.63 16.78 17.47
C LYS B 68 32.40 16.31 16.24
N GLU B 69 31.82 16.55 15.07
CA GLU B 69 32.49 16.26 13.79
C GLU B 69 32.88 14.79 13.59
N SER B 70 32.22 13.87 14.29
CA SER B 70 32.36 12.45 14.00
C SER B 70 31.66 12.08 12.69
N THR B 71 32.12 11.00 12.08
CA THR B 71 31.51 10.51 10.85
C THR B 71 30.77 9.19 11.07
N LEU B 72 29.49 9.19 10.77
CA LEU B 72 28.68 7.97 10.77
C LEU B 72 28.57 7.46 9.33
N HIS B 73 28.16 6.21 9.16
CA HIS B 73 28.08 5.67 7.82
C HIS B 73 26.68 5.16 7.58
N LEU B 74 26.11 5.49 6.43
CA LEU B 74 24.75 5.08 6.11
C LEU B 74 24.73 3.98 5.05
N VAL B 75 24.09 2.86 5.37
CA VAL B 75 23.89 1.81 4.40
C VAL B 75 22.38 1.55 4.37
N LEU B 76 21.80 1.55 3.17
CA LEU B 76 20.38 1.29 3.03
C LEU B 76 20.07 -0.18 3.18
N ARG B 77 18.89 -0.48 3.69
CA ARG B 77 18.40 -1.84 3.67
C ARG B 77 17.87 -2.14 2.26
N LEU B 78 17.74 -3.42 1.96
CA LEU B 78 17.12 -3.84 0.70
C LEU B 78 15.87 -4.63 1.04
N ARG B 79 14.72 -4.22 0.51
CA ARG B 79 13.49 -5.00 0.63
C ARG B 79 12.94 -5.24 -0.76
N GLY B 80 12.86 -6.50 -1.17
CA GLY B 80 12.35 -6.80 -2.49
C GLY B 80 10.98 -7.44 -2.48
N GLY B 81 10.17 -7.06 -3.44
CA GLY B 81 8.94 -7.76 -3.72
C GLY B 81 8.91 -8.08 -5.19
N HIS C 13 -42.53 -8.94 6.41
CA HIS C 13 -42.51 -8.19 7.66
C HIS C 13 -41.85 -6.79 7.54
N ALA C 14 -41.12 -6.53 6.44
CA ALA C 14 -40.64 -5.17 6.12
C ALA C 14 -40.23 -5.12 4.65
N TYR C 15 -40.52 -3.99 3.97
CA TYR C 15 -40.34 -3.92 2.51
C TYR C 15 -39.72 -2.60 2.04
N THR C 16 -39.00 -2.67 0.92
CA THR C 16 -38.47 -1.47 0.26
C THR C 16 -39.62 -0.70 -0.41
N GLU C 17 -39.39 0.58 -0.69
CA GLU C 17 -40.31 1.43 -1.46
C GLU C 17 -40.79 0.80 -2.77
N GLY C 18 -40.00 -0.12 -3.32
CA GLY C 18 -40.38 -0.82 -4.53
C GLY C 18 -40.87 -2.23 -4.23
N GLY C 19 -41.23 -2.46 -2.97
CA GLY C 19 -41.85 -3.71 -2.56
C GLY C 19 -40.98 -4.96 -2.43
N LYS C 20 -39.65 -4.79 -2.40
CA LYS C 20 -38.75 -5.90 -2.13
C LYS C 20 -38.72 -6.16 -0.62
N PRO C 21 -38.91 -7.42 -0.22
CA PRO C 21 -38.88 -7.76 1.20
C PRO C 21 -37.46 -7.65 1.79
N LEU C 22 -37.34 -7.02 2.95
CA LEU C 22 -36.05 -6.98 3.66
C LEU C 22 -35.99 -8.05 4.75
N ARG C 23 -34.87 -8.78 4.81
CA ARG C 23 -34.58 -9.68 5.92
C ARG C 23 -34.20 -8.84 7.14
N THR C 24 -34.44 -9.37 8.33
CA THR C 24 -34.19 -8.56 9.53
C THR C 24 -32.70 -8.57 9.85
N ILE C 25 -32.25 -7.50 10.50
CA ILE C 25 -30.90 -7.39 11.01
C ILE C 25 -30.94 -7.14 12.51
N TYR C 26 -30.36 -8.07 13.28
CA TYR C 26 -30.36 -7.89 14.73
C TYR C 26 -29.14 -7.07 15.17
N LEU C 27 -29.41 -6.00 15.88
CA LEU C 27 -28.38 -5.06 16.29
C LEU C 27 -28.21 -5.06 17.81
N PRO C 28 -27.00 -5.39 18.31
CA PRO C 28 -26.74 -5.31 19.75
C PRO C 28 -26.90 -3.88 20.29
N LYS C 29 -27.76 -3.69 21.31
CA LYS C 29 -27.98 -2.40 21.96
C LYS C 29 -26.68 -1.73 22.39
N LEU C 30 -25.69 -2.56 22.73
CA LEU C 30 -24.42 -2.07 23.24
C LEU C 30 -23.62 -1.37 22.15
N LEU C 31 -23.85 -1.78 20.90
CA LEU C 31 -23.02 -1.37 19.77
C LEU C 31 -22.83 0.14 19.69
N LYS C 32 -23.94 0.88 19.73
CA LYS C 32 -23.85 2.34 19.68
C LYS C 32 -22.95 2.89 20.80
N LYS C 33 -23.19 2.47 22.03
CA LYS C 33 -22.41 2.95 23.18
C LYS C 33 -20.96 2.52 23.09
N VAL C 34 -20.75 1.21 22.92
CA VAL C 34 -19.41 0.65 22.77
C VAL C 34 -18.58 1.41 21.73
N PHE C 35 -19.21 1.76 20.61
CA PHE C 35 -18.48 2.42 19.52
C PHE C 35 -18.01 3.84 19.93
N LEU C 36 -18.89 4.60 20.58
CA LEU C 36 -18.52 5.94 21.03
C LEU C 36 -17.39 5.86 22.04
N ASP C 37 -17.43 4.80 22.86
CA ASP C 37 -16.36 4.51 23.82
C ASP C 37 -15.01 4.36 23.12
N VAL C 38 -14.92 3.33 22.29
CA VAL C 38 -13.73 3.01 21.50
C VAL C 38 -13.16 4.21 20.74
N VAL C 39 -14.03 5.10 20.28
CA VAL C 39 -13.51 6.17 19.44
C VAL C 39 -13.46 7.51 20.18
N LYS C 40 -13.80 7.49 21.48
CA LYS C 40 -13.78 8.69 22.32
C LYS C 40 -12.48 9.50 22.22
N PRO C 41 -11.30 8.81 22.24
CA PRO C 41 -10.07 9.57 21.98
C PRO C 41 -10.10 10.39 20.68
N ASN C 42 -10.52 9.79 19.57
CA ASN C 42 -10.58 10.55 18.32
C ASN C 42 -11.60 11.69 18.39
N THR C 43 -12.71 11.44 19.08
CA THR C 43 -13.77 12.45 19.20
C THR C 43 -13.27 13.72 19.93
N LYS C 44 -12.64 13.51 21.09
CA LYS C 44 -12.15 14.61 21.91
C LYS C 44 -11.09 15.44 21.17
N LYS C 45 -10.48 14.86 20.13
CA LYS C 45 -9.55 15.58 19.26
C LYS C 45 -10.27 16.23 18.07
N ASN C 46 -11.60 16.23 18.11
CA ASN C 46 -12.44 16.61 16.96
C ASN C 46 -12.03 15.88 15.67
N LEU C 47 -12.07 14.56 15.73
CA LEU C 47 -11.74 13.68 14.60
C LEU C 47 -12.83 12.62 14.40
N GLU C 48 -13.29 12.45 13.16
CA GLU C 48 -14.29 11.43 12.86
C GLU C 48 -13.69 10.03 12.94
N THR C 49 -14.50 9.06 13.32
CA THR C 49 -14.10 7.64 13.25
C THR C 49 -15.19 6.78 12.60
N CYS C 50 -14.80 5.85 11.72
CA CYS C 50 -15.77 4.91 11.18
C CYS C 50 -15.47 3.50 11.65
N GLY C 51 -16.48 2.64 11.48
CA GLY C 51 -16.37 1.23 11.84
C GLY C 51 -17.27 0.39 10.94
N ILE C 52 -17.03 -0.91 10.87
CA ILE C 52 -17.76 -1.82 9.99
C ILE C 52 -18.70 -2.70 10.79
N LEU C 53 -19.90 -2.97 10.25
CA LEU C 53 -20.83 -3.85 10.95
C LEU C 53 -20.85 -5.20 10.27
N CYS C 54 -20.37 -6.21 11.00
CA CYS C 54 -20.13 -7.54 10.49
C CYS C 54 -20.93 -8.57 11.23
N GLY C 55 -21.27 -9.66 10.56
CA GLY C 55 -22.05 -10.65 11.21
C GLY C 55 -22.42 -11.76 10.28
N LYS C 56 -23.51 -12.45 10.59
CA LYS C 56 -23.84 -13.72 9.97
C LYS C 56 -25.29 -13.78 9.49
N LEU C 57 -25.50 -14.51 8.39
CA LEU C 57 -26.82 -14.92 7.95
C LEU C 57 -27.21 -16.28 8.56
N ARG C 58 -28.10 -16.26 9.56
CA ARG C 58 -28.66 -17.50 10.12
C ARG C 58 -30.17 -17.58 9.84
N GLN C 59 -30.54 -18.50 8.93
CA GLN C 59 -31.90 -18.67 8.39
C GLN C 59 -32.64 -17.36 8.16
N ASN C 60 -32.51 -16.86 6.94
CA ASN C 60 -32.94 -15.51 6.49
C ASN C 60 -33.14 -14.43 7.54
N ALA C 61 -32.32 -14.43 8.58
CA ALA C 61 -32.15 -13.26 9.42
C ALA C 61 -30.67 -12.93 9.47
N PHE C 62 -30.33 -11.68 9.79
CA PHE C 62 -28.94 -11.27 9.91
C PHE C 62 -28.62 -10.89 11.33
N PHE C 63 -27.51 -11.39 11.84
CA PHE C 63 -27.05 -10.97 13.15
C PHE C 63 -25.73 -10.26 13.00
N ILE C 64 -25.66 -9.06 13.56
CA ILE C 64 -24.44 -8.31 13.64
C ILE C 64 -23.70 -8.83 14.86
N THR C 65 -22.51 -9.38 14.64
CA THR C 65 -21.74 -10.01 15.71
C THR C 65 -20.44 -9.26 16.04
N HIS C 66 -19.90 -8.59 15.03
CA HIS C 66 -18.65 -7.88 15.18
C HIS C 66 -18.74 -6.42 14.76
N LEU C 67 -18.21 -5.54 15.59
CA LEU C 67 -17.97 -4.16 15.20
C LEU C 67 -16.49 -4.08 14.88
N VAL C 68 -16.13 -3.79 13.62
CA VAL C 68 -14.72 -3.77 13.23
C VAL C 68 -14.24 -2.34 12.96
N ILE C 69 -13.18 -1.91 13.65
CA ILE C 69 -12.60 -0.58 13.40
C ILE C 69 -11.37 -0.71 12.51
N PRO C 70 -11.51 -0.36 11.23
CA PRO C 70 -10.38 -0.55 10.33
C PRO C 70 -9.34 0.57 10.45
N LEU C 71 -8.13 0.33 9.96
CA LEU C 71 -7.14 1.39 9.75
C LEU C 71 -7.76 2.55 8.97
N GLN C 72 -7.59 3.76 9.48
CA GLN C 72 -8.19 4.93 8.84
C GLN C 72 -7.44 6.23 9.05
N GLU C 73 -7.82 7.23 8.25
CA GLU C 73 -7.37 8.62 8.37
C GLU C 73 -8.61 9.47 8.62
N ALA C 74 -8.43 10.64 9.21
CA ALA C 74 -9.59 11.46 9.59
C ALA C 74 -9.28 12.94 9.72
N THR C 75 -10.32 13.75 9.59
CA THR C 75 -10.29 15.16 9.96
C THR C 75 -11.56 15.43 10.76
N SER C 76 -11.94 16.71 10.84
CA SER C 76 -13.15 17.11 11.55
C SER C 76 -14.37 16.73 10.74
N ASP C 77 -14.16 16.68 9.42
CA ASP C 77 -15.23 16.51 8.42
C ASP C 77 -15.22 15.18 7.67
N THR C 78 -14.10 14.45 7.71
CA THR C 78 -14.03 13.17 7.00
C THR C 78 -13.32 12.06 7.77
N CYS C 79 -13.59 10.84 7.33
CA CYS C 79 -12.81 9.67 7.72
C CYS C 79 -12.83 8.67 6.56
N GLY C 80 -11.83 7.81 6.51
CA GLY C 80 -11.77 6.85 5.44
C GLY C 80 -10.77 5.76 5.68
N THR C 81 -11.11 4.55 5.22
CA THR C 81 -10.21 3.41 5.30
C THR C 81 -8.95 3.66 4.51
N THR C 82 -7.84 3.10 4.98
CA THR C 82 -6.56 3.24 4.30
C THR C 82 -5.94 1.88 3.94
N ASP C 83 -6.58 0.79 4.38
CA ASP C 83 -6.06 -0.57 4.12
C ASP C 83 -7.15 -1.63 4.07
N GLU C 84 -7.87 -1.70 2.95
CA GLU C 84 -9.02 -2.57 2.86
C GLU C 84 -8.60 -4.02 2.74
N ALA C 85 -7.37 -4.24 2.28
CA ALA C 85 -6.82 -5.57 2.08
C ALA C 85 -6.76 -6.31 3.41
N SER C 86 -6.27 -5.59 4.40
CA SER C 86 -6.27 -6.05 5.78
C SER C 86 -7.70 -6.34 6.31
N LEU C 87 -8.64 -5.46 6.01
CA LEU C 87 -10.00 -5.69 6.46
C LEU C 87 -10.61 -6.92 5.79
N PHE C 88 -10.37 -7.09 4.50
CA PHE C 88 -10.83 -8.30 3.80
C PHE C 88 -10.31 -9.58 4.45
N GLU C 89 -9.00 -9.61 4.69
CA GLU C 89 -8.35 -10.79 5.24
C GLU C 89 -9.04 -11.19 6.54
N PHE C 90 -9.27 -10.21 7.41
CA PHE C 90 -9.97 -10.49 8.66
C PHE C 90 -11.38 -11.05 8.45
N GLN C 91 -12.13 -10.44 7.54
CA GLN C 91 -13.49 -10.89 7.30
C GLN C 91 -13.55 -12.23 6.58
N ASP C 92 -12.60 -12.51 5.70
CA ASP C 92 -12.63 -13.79 5.01
C ASP C 92 -12.18 -14.92 5.95
N LYS C 93 -11.22 -14.63 6.82
CA LYS C 93 -10.74 -15.66 7.74
C LYS C 93 -11.85 -16.09 8.72
N HIS C 94 -12.64 -15.13 9.20
CA HIS C 94 -13.65 -15.42 10.20
C HIS C 94 -15.06 -15.58 9.64
N ASN C 95 -15.17 -15.71 8.33
CA ASN C 95 -16.46 -15.78 7.62
C ASN C 95 -17.51 -14.72 7.99
N LEU C 96 -17.12 -13.45 7.97
CA LEU C 96 -18.03 -12.38 8.34
C LEU C 96 -18.58 -11.68 7.13
N LEU C 97 -19.90 -11.50 7.12
CA LEU C 97 -20.55 -10.63 6.14
C LEU C 97 -20.42 -9.18 6.55
N THR C 98 -20.34 -8.31 5.55
CA THR C 98 -20.48 -6.88 5.74
C THR C 98 -21.95 -6.51 5.70
N LEU C 99 -22.48 -6.03 6.82
CA LEU C 99 -23.91 -5.78 6.94
C LEU C 99 -24.24 -4.30 6.98
N GLY C 100 -23.21 -3.47 7.12
CA GLY C 100 -23.43 -2.05 7.26
C GLY C 100 -22.21 -1.40 7.81
N TRP C 101 -22.34 -0.11 8.13
CA TRP C 101 -21.24 0.61 8.73
C TRP C 101 -21.73 1.69 9.70
N ILE C 102 -20.83 2.21 10.50
CA ILE C 102 -21.16 3.19 11.52
C ILE C 102 -20.07 4.26 11.52
N HIS C 103 -20.44 5.52 11.78
CA HIS C 103 -19.43 6.57 11.95
C HIS C 103 -19.94 7.75 12.76
N THR C 104 -19.04 8.66 13.09
CA THR C 104 -19.33 9.78 13.96
C THR C 104 -19.24 11.15 13.29
N HIS C 105 -20.17 12.03 13.66
CA HIS C 105 -20.04 13.46 13.45
C HIS C 105 -19.76 14.07 14.81
N PRO C 106 -18.49 14.39 15.09
CA PRO C 106 -18.17 14.97 16.41
C PRO C 106 -19.05 16.18 16.69
N THR C 107 -18.92 17.21 15.87
CA THR C 107 -19.56 18.50 16.12
C THR C 107 -20.79 18.77 15.25
N GLN C 108 -21.24 17.78 14.48
CA GLN C 108 -22.36 18.03 13.56
C GLN C 108 -23.65 17.37 14.01
N THR C 109 -24.62 17.35 13.09
CA THR C 109 -25.98 16.86 13.29
C THR C 109 -26.15 15.43 12.79
N CYS C 110 -27.12 14.70 13.35
CA CYS C 110 -27.52 13.40 12.83
C CYS C 110 -28.23 13.46 11.46
N PHE C 111 -27.47 13.18 10.40
CA PHE C 111 -27.99 13.14 9.03
C PHE C 111 -26.99 12.40 8.12
N MET C 112 -27.36 12.13 6.87
CA MET C 112 -26.45 11.49 5.92
C MET C 112 -25.90 12.52 4.95
N SER C 113 -24.59 12.81 5.04
CA SER C 113 -23.96 13.76 4.12
C SER C 113 -23.92 13.24 2.69
N SER C 114 -23.46 14.07 1.77
CA SER C 114 -23.32 13.65 0.39
C SER C 114 -22.31 12.50 0.25
N VAL C 115 -21.19 12.60 0.97
CA VAL C 115 -20.19 11.55 1.01
C VAL C 115 -20.82 10.23 1.46
N ASP C 116 -21.49 10.29 2.62
CA ASP C 116 -22.15 9.12 3.20
C ASP C 116 -23.13 8.46 2.25
N LEU C 117 -23.84 9.28 1.48
CA LEU C 117 -24.82 8.74 0.57
C LEU C 117 -24.13 7.97 -0.58
N HIS C 118 -23.06 8.55 -1.12
CA HIS C 118 -22.33 7.91 -2.20
C HIS C 118 -21.62 6.66 -1.73
N THR C 119 -21.24 6.68 -0.44
CA THR C 119 -20.58 5.54 0.17
C THR C 119 -21.60 4.43 0.46
N HIS C 120 -22.73 4.77 1.07
CA HIS C 120 -23.68 3.74 1.44
C HIS C 120 -24.34 3.10 0.23
N CYS C 121 -24.45 3.85 -0.85
CA CYS C 121 -25.07 3.34 -2.05
C CYS C 121 -24.42 2.01 -2.47
N SER C 122 -23.10 1.96 -2.44
CA SER C 122 -22.40 0.76 -2.86
C SER C 122 -22.65 -0.44 -1.93
N TYR C 123 -22.69 -0.19 -0.62
CA TYR C 123 -22.97 -1.26 0.35
C TYR C 123 -24.39 -1.77 0.13
N GLN C 124 -25.32 -0.85 -0.10
CA GLN C 124 -26.71 -1.23 -0.24
C GLN C 124 -26.95 -1.91 -1.60
N LEU C 125 -26.18 -1.52 -2.61
CA LEU C 125 -26.21 -2.25 -3.88
C LEU C 125 -25.78 -3.71 -3.71
N MET C 126 -24.74 -3.92 -2.90
CA MET C 126 -24.18 -5.24 -2.65
C MET C 126 -25.01 -6.05 -1.66
N LEU C 127 -25.82 -5.36 -0.86
CA LEU C 127 -26.69 -5.99 0.14
C LEU C 127 -27.90 -5.12 0.43
N PRO C 128 -29.08 -5.47 -0.12
CA PRO C 128 -30.29 -4.64 -0.01
C PRO C 128 -30.59 -4.16 1.41
N GLU C 129 -30.26 -4.97 2.42
CA GLU C 129 -30.56 -4.61 3.81
C GLU C 129 -29.52 -3.71 4.45
N ALA C 130 -28.47 -3.36 3.69
CA ALA C 130 -27.31 -2.69 4.28
C ALA C 130 -27.71 -1.38 4.97
N ILE C 131 -27.20 -1.18 6.18
CA ILE C 131 -27.57 0.00 6.94
C ILE C 131 -26.38 0.89 7.27
N ALA C 132 -26.67 2.17 7.45
CA ALA C 132 -25.67 3.11 7.84
C ALA C 132 -26.07 3.75 9.18
N ILE C 133 -25.16 3.72 10.15
CA ILE C 133 -25.45 4.29 11.46
C ILE C 133 -24.63 5.58 11.63
N VAL C 134 -25.30 6.65 12.07
CA VAL C 134 -24.64 7.94 12.32
C VAL C 134 -24.72 8.37 13.79
N MET C 135 -23.59 8.78 14.34
CA MET C 135 -23.47 9.31 15.71
C MET C 135 -23.11 10.79 15.69
N ALA C 136 -23.98 11.62 16.26
CA ALA C 136 -23.65 13.02 16.50
C ALA C 136 -23.55 13.25 18.01
N PRO C 137 -22.44 12.82 18.62
CA PRO C 137 -22.36 12.75 20.08
C PRO C 137 -22.49 14.11 20.78
N SER C 138 -22.11 15.20 20.12
CA SER C 138 -22.18 16.55 20.71
C SER C 138 -23.59 17.13 20.67
N LYS C 139 -24.46 16.55 19.85
CA LYS C 139 -25.88 16.87 19.90
C LYS C 139 -26.60 15.70 20.59
N ASN C 140 -25.82 14.76 21.12
CA ASN C 140 -26.33 13.57 21.80
C ASN C 140 -27.47 12.89 21.03
N THR C 141 -27.21 12.50 19.77
CA THR C 141 -28.22 11.83 18.97
C THR C 141 -27.62 10.81 18.00
N SER C 142 -28.41 9.80 17.62
CA SER C 142 -28.00 8.78 16.66
C SER C 142 -29.13 8.47 15.69
N GLY C 143 -28.78 7.92 14.52
CA GLY C 143 -29.77 7.49 13.55
C GLY C 143 -29.31 6.31 12.72
N ILE C 144 -30.27 5.49 12.29
CA ILE C 144 -29.96 4.38 11.40
C ILE C 144 -30.65 4.57 10.05
N PHE C 145 -29.84 4.76 9.01
CA PHE C 145 -30.36 5.13 7.69
C PHE C 145 -30.14 4.10 6.58
N ARG C 146 -30.85 4.31 5.47
CA ARG C 146 -30.59 3.62 4.21
C ARG C 146 -31.15 4.44 3.06
N LEU C 147 -30.74 4.13 1.83
CA LEU C 147 -31.27 4.81 0.67
C LEU C 147 -32.64 4.25 0.30
N LEU C 148 -33.49 5.09 -0.29
CA LEU C 148 -34.73 4.58 -0.86
C LEU C 148 -34.36 3.63 -1.99
N ASP C 149 -35.08 2.52 -2.10
CA ASP C 149 -34.76 1.46 -3.06
C ASP C 149 -36.04 1.15 -3.82
N PRO C 150 -36.07 1.44 -5.14
CA PRO C 150 -34.89 1.80 -5.95
C PRO C 150 -34.64 3.29 -6.23
N GLU C 151 -35.53 4.21 -5.89
CA GLU C 151 -35.37 5.60 -6.33
C GLU C 151 -34.05 6.22 -5.87
N GLY C 152 -33.76 6.11 -4.57
CA GLY C 152 -32.56 6.70 -4.02
C GLY C 152 -31.28 6.12 -4.60
N LEU C 153 -31.23 4.79 -4.72
CA LEU C 153 -30.06 4.13 -5.25
C LEU C 153 -29.81 4.56 -6.71
N GLN C 154 -30.87 4.75 -7.47
CA GLN C 154 -30.75 5.18 -8.86
C GLN C 154 -30.17 6.58 -8.95
N THR C 155 -30.66 7.48 -8.10
CA THR C 155 -30.19 8.85 -8.05
C THR C 155 -28.68 8.93 -7.80
N ILE C 156 -28.21 8.31 -6.74
CA ILE C 156 -26.79 8.32 -6.40
C ILE C 156 -25.92 7.57 -7.42
N VAL C 157 -26.43 6.50 -8.03
CA VAL C 157 -25.63 5.71 -8.98
C VAL C 157 -25.37 6.48 -10.29
N LYS C 158 -26.29 7.37 -10.66
CA LYS C 158 -26.08 8.16 -11.87
C LYS C 158 -25.32 9.44 -11.56
N CYS C 159 -25.42 9.88 -10.31
CA CYS C 159 -24.88 11.17 -9.93
C CYS C 159 -23.37 11.30 -10.15
N ARG C 160 -23.01 12.34 -10.90
CA ARG C 160 -21.61 12.66 -11.20
C ARG C 160 -21.29 14.11 -10.85
N LYS C 161 -22.22 14.77 -10.17
CA LYS C 161 -22.03 16.13 -9.70
C LYS C 161 -20.71 16.29 -8.92
N PRO C 162 -20.01 17.41 -9.12
CA PRO C 162 -18.72 17.69 -8.47
C PRO C 162 -18.85 18.15 -7.01
N GLY C 163 -17.72 18.25 -6.32
CA GLY C 163 -17.73 18.67 -4.93
C GLY C 163 -18.01 17.53 -3.99
N LEU C 164 -17.45 17.62 -2.79
CA LEU C 164 -17.66 16.61 -1.76
C LEU C 164 -19.05 16.68 -1.15
N TRP C 165 -19.57 17.90 -1.01
CA TRP C 165 -20.75 18.16 -0.21
C TRP C 165 -22.03 18.42 -1.00
N HIS C 166 -21.93 18.26 -2.32
CA HIS C 166 -23.03 18.60 -3.22
C HIS C 166 -24.34 17.96 -2.80
N PRO C 167 -25.45 18.69 -2.99
CA PRO C 167 -26.79 18.19 -2.64
C PRO C 167 -27.39 17.32 -3.74
N HIS C 168 -28.55 16.75 -3.44
CA HIS C 168 -29.26 15.88 -4.37
C HIS C 168 -30.72 16.29 -4.39
N GLU C 169 -31.32 16.18 -5.56
CA GLU C 169 -32.72 16.53 -5.74
C GLU C 169 -33.56 15.30 -5.41
N GLY C 170 -34.52 15.46 -4.52
CA GLY C 170 -35.33 14.34 -4.07
C GLY C 170 -34.98 13.95 -2.65
N LYS C 171 -35.69 12.94 -2.14
CA LYS C 171 -35.52 12.49 -0.76
C LYS C 171 -34.25 11.64 -0.59
N VAL C 172 -34.01 10.75 -1.55
CA VAL C 172 -32.83 9.86 -1.62
C VAL C 172 -32.69 8.86 -0.45
N TYR C 173 -32.64 9.33 0.79
CA TYR C 173 -32.57 8.39 1.90
C TYR C 173 -33.65 8.57 2.96
N THR C 174 -33.77 7.54 3.80
CA THR C 174 -34.77 7.50 4.86
C THR C 174 -34.20 6.79 6.10
N MET C 175 -34.77 7.04 7.27
CA MET C 175 -34.44 6.26 8.46
C MET C 175 -34.96 4.84 8.30
N VAL C 176 -34.24 3.87 8.83
CA VAL C 176 -34.66 2.49 8.63
C VAL C 176 -35.95 2.20 9.41
N ALA C 177 -36.72 1.24 8.93
CA ALA C 177 -37.94 0.83 9.61
C ALA C 177 -37.60 0.02 10.86
N GLN C 178 -38.09 0.48 12.00
CA GLN C 178 -37.90 -0.27 13.24
C GLN C 178 -39.26 -0.60 13.87
N PRO C 179 -39.42 -1.86 14.31
CA PRO C 179 -38.34 -2.84 14.50
C PRO C 179 -38.22 -3.86 13.36
N GLY C 180 -38.82 -3.58 12.20
CA GLY C 180 -38.94 -4.56 11.13
C GLY C 180 -37.67 -4.87 10.35
N HIS C 181 -36.90 -3.83 10.02
CA HIS C 181 -35.65 -3.98 9.29
C HIS C 181 -34.52 -4.25 10.31
N VAL C 182 -34.20 -3.25 11.11
CA VAL C 182 -33.29 -3.39 12.23
C VAL C 182 -34.03 -3.57 13.57
N ARG C 183 -33.99 -4.79 14.13
CA ARG C 183 -34.47 -5.03 15.50
C ARG C 183 -33.31 -4.95 16.52
N GLU C 184 -33.29 -3.88 17.30
CA GLU C 184 -32.24 -3.62 18.26
C GLU C 184 -32.41 -4.41 19.57
N ILE C 185 -31.59 -5.45 19.78
CA ILE C 185 -31.74 -6.35 20.93
C ILE C 185 -30.54 -6.37 21.91
N ASN C 186 -30.69 -7.13 23.00
CA ASN C 186 -29.58 -7.44 23.88
C ASN C 186 -28.93 -8.74 23.39
N SER C 187 -27.73 -8.62 22.83
CA SER C 187 -27.02 -9.77 22.27
C SER C 187 -25.53 -9.51 22.30
N LYS C 188 -24.74 -10.54 21.96
CA LYS C 188 -23.31 -10.49 22.22
C LYS C 188 -22.58 -9.71 21.12
N LEU C 189 -21.47 -9.10 21.52
CA LEU C 189 -20.73 -8.23 20.62
C LEU C 189 -19.20 -8.37 20.82
N GLN C 190 -18.50 -8.53 19.70
CA GLN C 190 -17.05 -8.49 19.69
C GLN C 190 -16.62 -7.17 19.05
N VAL C 191 -15.75 -6.42 19.71
CA VAL C 191 -15.13 -5.26 19.09
C VAL C 191 -13.72 -5.60 18.63
N VAL C 192 -13.50 -5.43 17.33
CA VAL C 192 -12.21 -5.67 16.70
C VAL C 192 -11.58 -4.37 16.25
N ASP C 193 -10.40 -4.07 16.78
CA ASP C 193 -9.71 -2.83 16.45
C ASP C 193 -8.47 -3.13 15.63
N LEU C 194 -8.47 -2.80 14.35
CA LEU C 194 -7.37 -3.20 13.48
C LEU C 194 -6.35 -2.08 13.30
N ARG C 195 -6.22 -1.20 14.29
CA ARG C 195 -5.30 -0.06 14.17
C ARG C 195 -3.96 -0.22 14.91
N SER D 5 -11.94 -14.59 -25.26
CA SER D 5 -12.96 -14.21 -24.26
C SER D 5 -13.29 -15.35 -23.29
N MET D 6 -13.58 -14.96 -22.06
CA MET D 6 -13.79 -15.90 -20.96
C MET D 6 -14.58 -15.23 -19.84
N GLN D 7 -15.00 -16.02 -18.87
CA GLN D 7 -15.69 -15.52 -17.69
C GLN D 7 -14.79 -15.53 -16.48
N ILE D 8 -15.06 -14.63 -15.55
CA ILE D 8 -14.41 -14.68 -14.25
C ILE D 8 -15.45 -14.33 -13.21
N PHE D 9 -15.19 -14.70 -11.96
CA PHE D 9 -16.14 -14.42 -10.89
C PHE D 9 -15.56 -13.47 -9.86
N VAL D 10 -16.41 -12.59 -9.34
CA VAL D 10 -16.05 -11.67 -8.28
C VAL D 10 -16.98 -11.90 -7.08
N LYS D 11 -16.40 -12.40 -6.01
CA LYS D 11 -17.15 -12.69 -4.80
C LYS D 11 -17.04 -11.48 -3.89
N THR D 12 -18.17 -11.06 -3.35
CA THR D 12 -18.21 -9.95 -2.41
C THR D 12 -18.17 -10.48 -0.98
N LEU D 13 -18.15 -9.56 -0.02
CA LEU D 13 -18.28 -9.92 1.39
C LEU D 13 -19.76 -9.90 1.85
N THR D 14 -20.70 -9.97 0.92
CA THR D 14 -22.12 -9.92 1.30
C THR D 14 -22.89 -11.14 0.79
N GLY D 15 -22.17 -12.17 0.35
CA GLY D 15 -22.82 -13.38 -0.15
C GLY D 15 -23.13 -13.32 -1.63
N LYS D 16 -22.77 -12.21 -2.26
CA LYS D 16 -23.05 -11.98 -3.66
C LYS D 16 -21.88 -12.40 -4.54
N THR D 17 -22.19 -12.98 -5.69
CA THR D 17 -21.19 -13.32 -6.70
C THR D 17 -21.59 -12.71 -8.06
N ILE D 18 -20.65 -11.96 -8.63
CA ILE D 18 -20.82 -11.30 -9.91
C ILE D 18 -20.09 -12.06 -11.00
N THR D 19 -20.67 -12.10 -12.20
CA THR D 19 -20.00 -12.73 -13.31
C THR D 19 -19.61 -11.66 -14.34
N LEU D 20 -18.37 -11.78 -14.85
CA LEU D 20 -17.82 -10.81 -15.78
C LEU D 20 -17.23 -11.48 -17.04
N GLU D 21 -17.57 -10.95 -18.22
CA GLU D 21 -16.94 -11.36 -19.47
C GLU D 21 -15.65 -10.57 -19.65
N VAL D 22 -14.53 -11.26 -19.86
CA VAL D 22 -13.25 -10.59 -19.94
C VAL D 22 -12.27 -11.20 -20.96
N GLU D 23 -11.21 -10.47 -21.27
CA GLU D 23 -10.08 -11.00 -22.04
C GLU D 23 -8.87 -11.13 -21.12
N PRO D 24 -7.92 -12.04 -21.43
CA PRO D 24 -6.73 -12.13 -20.58
C PRO D 24 -5.92 -10.83 -20.59
N SER D 25 -6.19 -9.99 -21.58
CA SER D 25 -5.47 -8.75 -21.81
C SER D 25 -6.02 -7.58 -20.98
N ASP D 26 -7.25 -7.71 -20.50
CA ASP D 26 -7.91 -6.64 -19.77
C ASP D 26 -7.12 -6.23 -18.51
N THR D 27 -7.04 -4.93 -18.26
CA THR D 27 -6.34 -4.45 -17.08
C THR D 27 -7.29 -4.53 -15.89
N ILE D 28 -6.71 -4.45 -14.68
CA ILE D 28 -7.49 -4.42 -13.45
C ILE D 28 -8.47 -3.24 -13.51
N GLU D 29 -8.01 -2.12 -14.06
CA GLU D 29 -8.86 -0.94 -14.23
C GLU D 29 -10.03 -1.19 -15.18
N ASN D 30 -9.82 -1.97 -16.25
CA ASN D 30 -10.91 -2.38 -17.14
C ASN D 30 -11.97 -3.16 -16.38
N VAL D 31 -11.50 -4.02 -15.49
CA VAL D 31 -12.37 -4.91 -14.71
C VAL D 31 -13.21 -4.10 -13.72
N LYS D 32 -12.59 -3.14 -13.02
CA LYS D 32 -13.38 -2.27 -12.15
C LYS D 32 -14.45 -1.53 -12.97
N ALA D 33 -14.08 -1.03 -14.15
CA ALA D 33 -15.03 -0.34 -15.05
C ALA D 33 -16.20 -1.24 -15.47
N LYS D 34 -15.91 -2.50 -15.79
CA LYS D 34 -16.95 -3.50 -16.05
C LYS D 34 -17.85 -3.73 -14.84
N ILE D 35 -17.28 -3.71 -13.64
CA ILE D 35 -18.07 -3.86 -12.40
C ILE D 35 -19.01 -2.67 -12.20
N GLN D 36 -18.52 -1.45 -12.42
CA GLN D 36 -19.40 -0.30 -12.36
C GLN D 36 -20.57 -0.42 -13.32
N ASP D 37 -20.31 -0.96 -14.51
CA ASP D 37 -21.34 -1.08 -15.55
C ASP D 37 -22.46 -2.05 -15.17
N LYS D 38 -22.07 -3.23 -14.71
CA LYS D 38 -23.04 -4.25 -14.36
C LYS D 38 -23.65 -4.04 -12.97
N GLU D 39 -22.95 -3.32 -12.10
CA GLU D 39 -23.37 -3.29 -10.69
C GLU D 39 -23.59 -1.88 -10.09
N GLY D 40 -22.96 -0.85 -10.66
CA GLY D 40 -23.23 0.51 -10.23
C GLY D 40 -22.22 1.11 -9.27
N ILE D 41 -21.18 0.34 -8.92
CA ILE D 41 -20.14 0.78 -7.99
C ILE D 41 -18.98 1.50 -8.69
N PRO D 42 -18.71 2.76 -8.30
CA PRO D 42 -17.59 3.50 -8.89
C PRO D 42 -16.25 2.77 -8.65
N PRO D 43 -15.39 2.72 -9.69
CA PRO D 43 -14.10 2.03 -9.60
C PRO D 43 -13.20 2.48 -8.44
N ASP D 44 -13.26 3.75 -8.07
CA ASP D 44 -12.41 4.28 -7.00
C ASP D 44 -12.87 3.82 -5.61
N GLN D 45 -14.09 3.28 -5.51
CA GLN D 45 -14.54 2.68 -4.26
C GLN D 45 -14.14 1.22 -4.16
N GLN D 46 -13.68 0.65 -5.28
CA GLN D 46 -13.45 -0.79 -5.35
C GLN D 46 -12.01 -1.17 -5.09
N ARG D 47 -11.83 -2.23 -4.34
CA ARG D 47 -10.54 -2.88 -4.19
C ARG D 47 -10.69 -4.35 -4.61
N LEU D 48 -9.77 -4.86 -5.44
CA LEU D 48 -9.85 -6.24 -5.89
C LEU D 48 -8.67 -7.08 -5.41
N ILE D 49 -9.00 -8.23 -4.84
CA ILE D 49 -8.01 -9.13 -4.26
C ILE D 49 -8.01 -10.52 -4.95
N PHE D 50 -6.81 -11.05 -5.16
CA PHE D 50 -6.62 -12.36 -5.73
C PHE D 50 -5.35 -12.99 -5.20
N ALA D 51 -5.46 -14.27 -4.84
CA ALA D 51 -4.37 -15.00 -4.19
C ALA D 51 -3.84 -14.22 -2.98
N GLY D 52 -4.75 -13.63 -2.21
CA GLY D 52 -4.37 -12.90 -1.02
C GLY D 52 -3.73 -11.52 -1.23
N LYS D 53 -3.60 -11.06 -2.47
CA LYS D 53 -2.99 -9.75 -2.72
C LYS D 53 -3.92 -8.83 -3.50
N GLN D 54 -3.91 -7.54 -3.13
CA GLN D 54 -4.63 -6.52 -3.89
C GLN D 54 -4.03 -6.35 -5.28
N LEU D 55 -4.87 -6.04 -6.27
CA LEU D 55 -4.44 -5.93 -7.65
C LEU D 55 -4.28 -4.47 -8.08
N GLU D 56 -3.17 -4.18 -8.75
CA GLU D 56 -2.84 -2.83 -9.22
C GLU D 56 -3.54 -2.54 -10.53
N ASP D 57 -4.23 -1.41 -10.60
CA ASP D 57 -4.98 -0.96 -11.78
C ASP D 57 -4.34 -1.21 -13.16
N GLY D 58 -3.00 -1.14 -13.24
CA GLY D 58 -2.30 -1.15 -14.51
C GLY D 58 -1.78 -2.49 -15.02
N ARG D 59 -1.82 -3.53 -14.18
CA ARG D 59 -1.48 -4.89 -14.60
C ARG D 59 -2.69 -5.54 -15.27
N THR D 60 -2.47 -6.65 -15.98
CA THR D 60 -3.57 -7.35 -16.66
C THR D 60 -3.99 -8.61 -15.91
N LEU D 61 -5.08 -9.21 -16.34
CA LEU D 61 -5.51 -10.49 -15.77
C LEU D 61 -4.48 -11.58 -16.02
N SER D 62 -3.90 -11.59 -17.22
CA SER D 62 -2.85 -12.58 -17.51
C SER D 62 -1.60 -12.28 -16.66
N ASP D 63 -1.30 -11.01 -16.40
CA ASP D 63 -0.19 -10.67 -15.49
C ASP D 63 -0.34 -11.34 -14.12
N TYR D 64 -1.58 -11.44 -13.63
CA TYR D 64 -1.84 -12.03 -12.32
C TYR D 64 -2.21 -13.51 -12.40
N ASN D 65 -2.11 -14.08 -13.61
CA ASN D 65 -2.45 -15.48 -13.84
C ASN D 65 -3.92 -15.80 -13.49
N ILE D 66 -4.80 -14.87 -13.83
CA ILE D 66 -6.22 -15.03 -13.57
C ILE D 66 -6.85 -15.63 -14.81
N GLN D 67 -7.30 -16.87 -14.70
CA GLN D 67 -7.80 -17.59 -15.86
C GLN D 67 -9.31 -17.83 -15.83
N LYS D 68 -9.78 -18.57 -16.85
CA LYS D 68 -11.22 -18.85 -17.01
C LYS D 68 -11.83 -19.29 -15.69
N GLU D 69 -12.87 -18.57 -15.28
CA GLU D 69 -13.67 -18.90 -14.08
C GLU D 69 -12.89 -18.84 -12.77
N SER D 70 -11.85 -18.02 -12.75
CA SER D 70 -11.16 -17.70 -11.50
C SER D 70 -12.06 -16.81 -10.66
N THR D 71 -11.87 -16.86 -9.35
CA THR D 71 -12.63 -16.00 -8.44
C THR D 71 -11.80 -14.86 -7.84
N LEU D 72 -12.21 -13.61 -8.10
CA LEU D 72 -11.65 -12.45 -7.40
C LEU D 72 -12.54 -12.10 -6.21
N HIS D 73 -11.99 -11.32 -5.28
CA HIS D 73 -12.77 -10.86 -4.15
C HIS D 73 -12.88 -9.35 -4.23
N LEU D 74 -14.04 -8.81 -3.87
CA LEU D 74 -14.23 -7.36 -3.88
C LEU D 74 -14.51 -6.86 -2.47
N VAL D 75 -13.67 -5.94 -2.00
CA VAL D 75 -13.89 -5.26 -0.75
C VAL D 75 -14.00 -3.78 -1.07
N LEU D 76 -15.03 -3.15 -0.55
CA LEU D 76 -15.21 -1.72 -0.74
C LEU D 76 -14.36 -0.90 0.23
N ARG D 77 -14.00 0.30 -0.20
CA ARG D 77 -13.45 1.30 0.70
C ARG D 77 -14.58 1.95 1.50
N LEU D 78 -14.22 2.69 2.53
CA LEU D 78 -15.22 3.36 3.36
C LEU D 78 -14.87 4.83 3.44
N ARG D 79 -15.73 5.72 2.96
CA ARG D 79 -15.49 7.17 3.06
C ARG D 79 -16.61 7.85 3.84
N GLY D 80 -16.28 8.46 4.97
CA GLY D 80 -17.26 9.10 5.82
C GLY D 80 -17.17 10.61 5.81
N GLY D 81 -18.29 11.27 6.07
CA GLY D 81 -18.35 12.72 6.09
C GLY D 81 -19.37 13.21 7.09
ZN ZN E . 10.08 -7.17 -7.36
ZN ZN F . 3.72 3.90 -1.56
C1 EDO G . 17.09 8.23 -19.24
O1 EDO G . 15.70 8.03 -19.46
C2 EDO G . 17.68 7.08 -18.40
O2 EDO G . 16.78 6.02 -18.04
C1 EDO H . 23.63 4.27 0.80
O1 EDO H . 24.88 4.52 1.45
C2 EDO H . 23.69 2.99 -0.05
O2 EDO H . 23.56 1.79 0.75
C1 EDO I . 32.09 6.30 -0.84
O1 EDO I . 30.72 6.71 -1.02
C2 EDO I . 32.21 4.89 -0.23
O2 EDO I . 32.39 3.90 -1.28
ZN ZN J . -21.62 11.42 7.88
ZN ZN K . -24.05 12.88 -5.66
C1 EDO L . -33.31 -13.97 19.01
O1 EDO L . -33.82 -13.00 18.08
C2 EDO L . -32.82 -15.20 18.24
O2 EDO L . -33.73 -15.50 17.18
C1 EDO M . -18.43 -5.54 -0.44
O1 EDO M . -17.82 -6.77 -0.88
C2 EDO M . -18.09 -5.30 1.04
O2 EDO M . -16.78 -4.72 1.16
#